data_7L7Z
#
_entry.id   7L7Z
#
_cell.length_a   96.898
_cell.length_b   96.898
_cell.length_c   66.630
_cell.angle_alpha   90.000
_cell.angle_beta   90.000
_cell.angle_gamma   120.000
#
_symmetry.space_group_name_H-M   'H 3'
#
loop_
_entity.id
_entity.type
_entity.pdbx_description
1 polymer 'Putative acetyl transferase protein'
2 non-polymer 'COENZYME A'
3 non-polymer UDP-di-N-acetyl-alpha-bacillosamine
4 non-polymer 'CHLORIDE ION'
5 non-polymer (4S)-2-METHYL-2,4-PENTANEDIOL
6 water water
#
_entity_poly.entity_id   1
_entity_poly.type   'polypeptide(L)'
_entity_poly.pdbx_seq_one_letter_code
;GGGHMSKVFAVYGASGCGRSLMPVANEQLRILEGDTDSQIVFIDDALDDNITVNGYTAMNYTKFKSIKNDDKFVLIAIAN
SSIRQKIADKLVKDGISLWTVQGMTTLIMDEVSIDAGAALSPFVTIAANVTIGKCFHANLYSYVEHDCIIGDYVTFAPRV
SCNGNIHIHDHAYIGTGAVIKQGTPDKPLIIGKGAIVGMGAVVTKEVPAGAVVIGNPARLLNK
;
_entity_poly.pdbx_strand_id   AAA
#
# COMPACT_ATOMS: atom_id res chain seq x y z
N SER A 6 20.29 -16.82 -0.22
CA SER A 6 20.52 -15.45 -0.79
C SER A 6 19.21 -14.91 -1.36
N LYS A 7 19.00 -13.60 -1.27
CA LYS A 7 17.74 -12.96 -1.72
C LYS A 7 18.03 -11.62 -2.38
N VAL A 8 17.14 -11.19 -3.27
CA VAL A 8 17.20 -9.81 -3.84
C VAL A 8 15.84 -9.14 -3.57
N PHE A 9 15.88 -7.89 -3.13
CA PHE A 9 14.67 -7.12 -2.81
C PHE A 9 14.55 -5.98 -3.78
N ALA A 10 13.33 -5.48 -3.97
CA ALA A 10 13.16 -4.30 -4.83
C ALA A 10 11.93 -3.52 -4.41
N VAL A 11 11.98 -2.23 -4.71
CA VAL A 11 10.82 -1.30 -4.69
C VAL A 11 10.49 -1.01 -6.15
N TYR A 12 9.30 -1.41 -6.59
CA TYR A 12 8.82 -1.23 -7.97
C TYR A 12 8.14 0.14 -8.04
N GLY A 13 8.77 1.08 -8.76
CA GLY A 13 8.38 2.48 -8.83
C GLY A 13 9.41 3.36 -8.16
N ALA A 14 10.06 4.23 -8.93
CA ALA A 14 11.14 5.10 -8.43
C ALA A 14 10.69 6.56 -8.50
N SER A 15 9.37 6.81 -8.59
CA SER A 15 8.84 8.19 -8.52
CA SER A 15 8.80 8.17 -8.52
C SER A 15 8.51 8.52 -7.05
N GLY A 16 7.58 9.42 -6.80
CA GLY A 16 7.37 9.92 -5.42
C GLY A 16 7.00 8.80 -4.47
N CYS A 17 6.11 7.90 -4.86
CA CYS A 17 5.66 6.80 -3.98
C CYS A 17 6.87 5.95 -3.58
N GLY A 18 7.66 5.53 -4.56
CA GLY A 18 8.80 4.63 -4.35
C GLY A 18 9.91 5.31 -3.55
N ARG A 19 10.20 6.55 -3.85
CA ARG A 19 11.35 7.23 -3.20
C ARG A 19 11.02 7.45 -1.73
N SER A 20 9.75 7.67 -1.38
CA SER A 20 9.30 7.83 0.04
C SER A 20 9.04 6.47 0.69
N LEU A 21 9.00 5.38 -0.06
CA LEU A 21 8.93 4.03 0.56
C LEU A 21 10.29 3.34 0.68
N MET A 22 11.27 3.68 -0.13
CA MET A 22 12.57 2.97 -0.08
C MET A 22 13.17 3.01 1.34
N PRO A 23 13.17 4.16 2.08
CA PRO A 23 13.66 4.14 3.45
C PRO A 23 12.91 3.15 4.36
N VAL A 24 11.61 3.00 4.09
CA VAL A 24 10.74 2.09 4.85
C VAL A 24 11.12 0.65 4.50
N ALA A 25 11.33 0.37 3.22
CA ALA A 25 11.78 -0.97 2.78
C ALA A 25 13.12 -1.28 3.45
N ASN A 26 14.02 -0.31 3.53
CA ASN A 26 15.31 -0.52 4.27
C ASN A 26 15.08 -0.78 5.76
N GLU A 27 14.14 -0.11 6.43
CA GLU A 27 13.84 -0.41 7.86
C GLU A 27 13.36 -1.86 7.97
N GLN A 28 12.40 -2.26 7.14
CA GLN A 28 11.85 -3.63 7.08
C GLN A 28 13.01 -4.62 6.93
N LEU A 29 13.88 -4.38 5.93
CA LEU A 29 14.91 -5.38 5.55
C LEU A 29 16.05 -5.38 6.58
N ARG A 30 16.65 -4.23 6.87
CA ARG A 30 17.89 -4.12 7.69
C ARG A 30 17.56 -4.36 9.16
N ILE A 31 16.42 -3.86 9.64
CA ILE A 31 16.13 -3.86 11.10
C ILE A 31 15.12 -4.96 11.41
N LEU A 32 13.91 -4.92 10.86
CA LEU A 32 12.86 -5.88 11.28
C LEU A 32 13.21 -7.30 10.79
N GLU A 33 13.91 -7.47 9.67
CA GLU A 33 14.31 -8.82 9.18
C GLU A 33 15.77 -9.10 9.58
N GLY A 34 16.49 -8.09 10.10
CA GLY A 34 17.90 -8.21 10.56
C GLY A 34 18.86 -8.55 9.43
N ASP A 35 18.53 -8.15 8.20
CA ASP A 35 19.21 -8.64 6.97
C ASP A 35 20.11 -7.52 6.45
N THR A 36 21.41 -7.62 6.68
CA THR A 36 22.43 -6.66 6.18
C THR A 36 23.10 -7.23 4.91
N ASP A 37 22.69 -8.41 4.44
CA ASP A 37 23.37 -9.15 3.33
C ASP A 37 22.66 -8.87 2.00
N SER A 38 21.32 -8.91 1.98
CA SER A 38 20.54 -8.84 0.72
C SER A 38 20.66 -7.45 0.09
N GLN A 39 20.73 -7.41 -1.23
CA GLN A 39 20.73 -6.16 -2.00
C GLN A 39 19.28 -5.70 -2.21
N ILE A 40 19.06 -4.40 -2.23
CA ILE A 40 17.72 -3.84 -2.57
C ILE A 40 17.92 -2.82 -3.68
N VAL A 41 17.05 -2.86 -4.69
CA VAL A 41 17.12 -2.00 -5.89
C VAL A 41 15.74 -1.37 -6.14
N PHE A 42 15.70 -0.35 -6.98
CA PHE A 42 14.45 0.12 -7.63
C PHE A 42 14.25 -0.62 -8.94
N ILE A 43 13.02 -0.99 -9.22
CA ILE A 43 12.55 -1.29 -10.60
C ILE A 43 11.75 -0.10 -11.11
N ASP A 44 12.04 0.37 -12.32
CA ASP A 44 11.14 1.35 -12.94
C ASP A 44 11.21 1.17 -14.45
N ASP A 45 10.08 0.91 -15.09
CA ASP A 45 10.04 0.60 -16.55
C ASP A 45 10.22 1.86 -17.40
N ALA A 46 10.38 3.03 -16.81
CA ALA A 46 10.75 4.25 -17.55
C ALA A 46 12.22 4.16 -17.93
N LEU A 47 12.97 3.26 -17.28
CA LEU A 47 14.43 3.18 -17.44
C LEU A 47 14.74 2.26 -18.62
N ASP A 48 15.67 2.73 -19.44
CA ASP A 48 16.29 1.89 -20.50
CA ASP A 48 16.29 1.89 -20.50
C ASP A 48 17.60 1.37 -19.91
N ASP A 49 18.57 2.25 -19.72
CA ASP A 49 19.85 1.91 -19.05
C ASP A 49 19.66 2.05 -17.54
N ASN A 50 20.39 1.25 -16.77
CA ASN A 50 20.39 1.37 -15.29
C ASN A 50 20.88 2.76 -14.89
N ILE A 51 20.32 3.30 -13.81
CA ILE A 51 20.78 4.57 -13.21
C ILE A 51 20.85 4.34 -11.70
N THR A 52 21.23 5.36 -10.95
CA THR A 52 21.06 5.33 -9.48
C THR A 52 20.00 6.36 -9.11
N VAL A 53 19.19 6.00 -8.15
CA VAL A 53 18.16 6.91 -7.58
C VAL A 53 18.40 6.93 -6.08
N ASN A 54 18.75 8.10 -5.54
CA ASN A 54 19.03 8.26 -4.10
C ASN A 54 20.01 7.17 -3.63
N GLY A 55 21.02 6.84 -4.42
CA GLY A 55 22.12 5.97 -4.00
C GLY A 55 21.76 4.50 -4.12
N TYR A 56 20.65 4.19 -4.78
CA TYR A 56 20.25 2.79 -5.05
C TYR A 56 20.30 2.56 -6.56
N THR A 57 20.77 1.39 -6.96
CA THR A 57 20.66 0.92 -8.36
C THR A 57 19.18 0.88 -8.74
N ALA A 58 18.85 1.41 -9.92
CA ALA A 58 17.49 1.45 -10.48
C ALA A 58 17.55 0.85 -11.90
N MET A 59 16.69 -0.10 -12.16
CA MET A 59 16.68 -0.81 -13.46
C MET A 59 15.25 -1.08 -13.90
N ASN A 60 15.05 -1.41 -15.16
CA ASN A 60 13.70 -1.80 -15.63
C ASN A 60 13.42 -3.27 -15.29
N TYR A 61 12.19 -3.70 -15.50
CA TYR A 61 11.74 -5.04 -15.06
C TYR A 61 12.43 -6.14 -15.88
N THR A 62 12.70 -5.88 -17.17
CA THR A 62 13.45 -6.84 -18.01
C THR A 62 14.76 -7.19 -17.30
N LYS A 63 15.51 -6.16 -16.89
CA LYS A 63 16.83 -6.32 -16.23
C LYS A 63 16.63 -7.04 -14.89
N PHE A 64 15.58 -6.67 -14.13
CA PHE A 64 15.36 -7.28 -12.80
C PHE A 64 15.08 -8.77 -12.94
N LYS A 65 14.27 -9.15 -13.93
CA LYS A 65 13.93 -10.56 -14.22
C LYS A 65 15.22 -11.34 -14.54
N SER A 66 16.14 -10.70 -15.26
CA SER A 66 17.39 -11.29 -15.79
C SER A 66 18.38 -11.60 -14.66
N ILE A 67 18.25 -10.97 -13.49
CA ILE A 67 19.11 -11.26 -12.31
C ILE A 67 19.02 -12.76 -12.00
N LYS A 68 20.18 -13.41 -11.86
CA LYS A 68 20.25 -14.87 -11.60
C LYS A 68 20.15 -15.10 -10.10
N ASN A 69 18.92 -15.06 -9.58
CA ASN A 69 18.62 -15.32 -8.15
C ASN A 69 17.23 -15.92 -8.09
N ASP A 70 17.06 -17.01 -7.36
CA ASP A 70 15.76 -17.73 -7.31
C ASP A 70 14.79 -17.02 -6.35
N ASP A 71 15.27 -16.08 -5.53
CA ASP A 71 14.52 -15.63 -4.32
C ASP A 71 14.41 -14.11 -4.35
N LYS A 72 13.45 -13.61 -5.14
CA LYS A 72 13.19 -12.17 -5.37
C LYS A 72 11.93 -11.75 -4.60
N PHE A 73 11.98 -10.55 -4.02
CA PHE A 73 10.93 -10.00 -3.14
C PHE A 73 10.71 -8.57 -3.57
N VAL A 74 9.45 -8.23 -3.87
CA VAL A 74 9.15 -6.89 -4.46
C VAL A 74 8.01 -6.23 -3.68
N LEU A 75 8.27 -5.01 -3.27
CA LEU A 75 7.20 -4.08 -2.82
C LEU A 75 6.78 -3.21 -4.01
N ILE A 76 5.50 -3.22 -4.35
CA ILE A 76 5.01 -2.37 -5.45
C ILE A 76 4.65 -1.00 -4.85
N ALA A 77 5.41 0.02 -5.21
CA ALA A 77 5.26 1.41 -4.71
C ALA A 77 4.74 2.26 -5.87
N ILE A 78 3.57 1.88 -6.37
CA ILE A 78 2.82 2.66 -7.38
C ILE A 78 1.40 2.79 -6.83
N ALA A 79 0.98 4.03 -6.62
CA ALA A 79 -0.26 4.32 -5.86
C ALA A 79 -1.48 3.96 -6.71
N ASN A 80 -1.41 4.10 -8.03
CA ASN A 80 -2.51 3.75 -8.94
C ASN A 80 -2.80 2.25 -8.84
N SER A 81 -3.97 1.87 -8.36
CA SER A 81 -4.21 0.49 -7.92
C SER A 81 -4.44 -0.41 -9.14
N SER A 82 -4.87 0.14 -10.28
CA SER A 82 -5.03 -0.64 -11.53
CA SER A 82 -5.02 -0.63 -11.54
CA SER A 82 -5.03 -0.63 -11.54
C SER A 82 -3.64 -1.06 -12.02
N ILE A 83 -2.67 -0.15 -11.97
CA ILE A 83 -1.25 -0.50 -12.31
C ILE A 83 -0.75 -1.50 -11.26
N ARG A 84 -1.04 -1.25 -9.99
CA ARG A 84 -0.48 -2.10 -8.92
C ARG A 84 -0.94 -3.53 -9.13
N GLN A 85 -2.21 -3.75 -9.46
CA GLN A 85 -2.76 -5.11 -9.66
C GLN A 85 -2.10 -5.74 -10.89
N LYS A 86 -1.97 -4.96 -11.96
CA LYS A 86 -1.33 -5.45 -13.21
C LYS A 86 0.08 -5.96 -12.89
N ILE A 87 0.86 -5.18 -12.17
CA ILE A 87 2.26 -5.54 -11.81
C ILE A 87 2.27 -6.74 -10.85
N ALA A 88 1.40 -6.76 -9.83
CA ALA A 88 1.32 -7.89 -8.89
C ALA A 88 1.09 -9.20 -9.65
N ASP A 89 0.18 -9.21 -10.62
CA ASP A 89 -0.20 -10.44 -11.34
C ASP A 89 1.00 -10.88 -12.18
N LYS A 90 1.71 -9.92 -12.78
CA LYS A 90 2.96 -10.20 -13.56
C LYS A 90 4.01 -10.84 -12.65
N LEU A 91 4.25 -10.26 -11.47
CA LEU A 91 5.32 -10.72 -10.55
C LEU A 91 5.05 -12.18 -10.16
N VAL A 92 3.81 -12.47 -9.75
CA VAL A 92 3.41 -13.80 -9.24
C VAL A 92 3.55 -14.82 -10.39
N LYS A 93 3.12 -14.44 -11.59
CA LYS A 93 3.24 -15.29 -12.80
C LYS A 93 4.71 -15.59 -13.09
N ASP A 94 5.63 -14.65 -12.81
CA ASP A 94 7.08 -14.80 -13.07
C ASP A 94 7.80 -15.40 -11.86
N GLY A 95 7.08 -15.89 -10.85
CA GLY A 95 7.64 -16.59 -9.67
C GLY A 95 8.39 -15.63 -8.74
N ILE A 96 8.03 -14.35 -8.74
CA ILE A 96 8.61 -13.32 -7.83
C ILE A 96 7.61 -13.12 -6.70
N SER A 97 8.13 -13.01 -5.46
CA SER A 97 7.31 -12.87 -4.23
C SER A 97 6.90 -11.41 -4.02
N LEU A 98 5.64 -11.18 -3.68
CA LEU A 98 5.16 -9.87 -3.14
C LEU A 98 5.69 -9.74 -1.70
N TRP A 99 6.13 -8.55 -1.33
CA TRP A 99 6.87 -8.31 -0.07
C TRP A 99 6.14 -7.21 0.69
N THR A 100 5.63 -7.53 1.88
CA THR A 100 5.09 -6.50 2.80
C THR A 100 6.24 -5.74 3.48
N VAL A 101 6.12 -4.42 3.51
CA VAL A 101 7.09 -3.56 4.20
C VAL A 101 6.32 -2.77 5.26
N GLN A 102 6.90 -2.64 6.44
CA GLN A 102 6.41 -1.63 7.43
C GLN A 102 7.61 -0.87 8.00
N GLY A 103 7.36 0.31 8.59
CA GLY A 103 8.37 1.10 9.29
C GLY A 103 8.56 0.66 10.72
N MET A 104 9.64 1.13 11.34
CA MET A 104 9.93 0.91 12.77
CA MET A 104 9.91 0.88 12.78
C MET A 104 8.80 1.51 13.63
N THR A 105 8.13 2.55 13.14
CA THR A 105 7.04 3.21 13.91
C THR A 105 5.65 2.75 13.44
N THR A 106 5.57 1.77 12.55
CA THR A 106 4.27 1.17 12.18
C THR A 106 3.79 0.26 13.33
N LEU A 107 2.57 0.47 13.82
CA LEU A 107 1.98 -0.26 14.95
C LEU A 107 0.93 -1.24 14.44
N ILE A 108 1.18 -2.53 14.66
CA ILE A 108 0.21 -3.60 14.30
C ILE A 108 -0.30 -4.18 15.61
N MET A 109 -1.62 -4.21 15.80
CA MET A 109 -2.22 -4.71 17.04
C MET A 109 -2.61 -6.20 16.89
N ASP A 110 -3.52 -6.68 17.71
CA ASP A 110 -3.78 -8.14 17.86
C ASP A 110 -4.65 -8.63 16.72
N GLU A 111 -4.44 -9.89 16.32
CA GLU A 111 -5.34 -10.62 15.41
C GLU A 111 -5.54 -9.82 14.12
N VAL A 112 -4.45 -9.33 13.57
CA VAL A 112 -4.45 -8.59 12.29
C VAL A 112 -3.98 -9.54 11.20
N SER A 113 -4.70 -9.56 10.08
CA SER A 113 -4.35 -10.33 8.88
C SER A 113 -4.14 -9.38 7.71
N ILE A 114 -2.95 -9.37 7.11
CA ILE A 114 -2.62 -8.50 5.96
C ILE A 114 -2.00 -9.38 4.87
N ASP A 115 -2.64 -9.44 3.70
CA ASP A 115 -2.07 -10.15 2.53
C ASP A 115 -0.71 -9.59 2.13
N ALA A 116 0.11 -10.43 1.54
CA ALA A 116 1.45 -10.09 1.04
C ALA A 116 1.40 -8.83 0.18
N GLY A 117 2.45 -8.03 0.27
CA GLY A 117 2.73 -6.91 -0.65
C GLY A 117 2.18 -5.57 -0.18
N ALA A 118 1.77 -5.46 1.09
CA ALA A 118 1.34 -4.17 1.68
C ALA A 118 2.53 -3.21 1.83
N ALA A 119 2.25 -1.93 1.62
CA ALA A 119 3.16 -0.82 1.90
C ALA A 119 2.61 -0.07 3.12
N LEU A 120 3.14 -0.34 4.30
CA LEU A 120 2.64 0.23 5.58
C LEU A 120 3.64 1.30 6.00
N SER A 121 3.31 2.56 5.77
CA SER A 121 4.23 3.68 6.03
C SER A 121 4.49 3.88 7.52
N PRO A 122 5.57 4.60 7.86
CA PRO A 122 5.76 5.11 9.20
C PRO A 122 4.49 5.74 9.77
N PHE A 123 4.36 5.57 11.09
CA PHE A 123 3.31 6.17 11.95
C PHE A 123 1.92 5.63 11.59
N VAL A 124 1.84 4.57 10.80
CA VAL A 124 0.57 3.85 10.53
C VAL A 124 0.21 2.96 11.71
N THR A 125 -1.08 2.95 12.06
CA THR A 125 -1.65 1.99 13.02
C THR A 125 -2.64 1.10 12.29
N ILE A 126 -2.47 -0.23 12.45
CA ILE A 126 -3.49 -1.22 12.07
C ILE A 126 -3.96 -1.85 13.37
N ALA A 127 -5.19 -1.55 13.75
CA ALA A 127 -5.71 -1.82 15.11
C ALA A 127 -6.31 -3.24 15.18
N ALA A 128 -7.04 -3.51 16.26
CA ALA A 128 -7.44 -4.88 16.64
C ALA A 128 -8.34 -5.51 15.59
N ASN A 129 -8.09 -6.77 15.28
CA ASN A 129 -9.04 -7.64 14.54
C ASN A 129 -9.35 -7.07 13.16
N VAL A 130 -8.33 -6.49 12.51
CA VAL A 130 -8.44 -5.95 11.13
C VAL A 130 -8.01 -7.02 10.13
N THR A 131 -8.72 -7.10 9.00
CA THR A 131 -8.40 -7.98 7.87
C THR A 131 -8.18 -7.10 6.63
N ILE A 132 -7.05 -7.27 5.97
CA ILE A 132 -6.65 -6.49 4.77
C ILE A 132 -6.22 -7.43 3.65
N GLY A 133 -6.73 -7.17 2.45
CA GLY A 133 -6.41 -7.92 1.22
C GLY A 133 -5.13 -7.44 0.57
N LYS A 134 -5.01 -7.69 -0.73
CA LYS A 134 -3.73 -7.71 -1.46
C LYS A 134 -3.19 -6.29 -1.65
N CYS A 135 -1.86 -6.15 -1.60
CA CYS A 135 -1.09 -4.92 -1.94
C CYS A 135 -1.80 -3.67 -1.42
N PHE A 136 -2.10 -3.64 -0.13
CA PHE A 136 -2.67 -2.46 0.55
C PHE A 136 -1.60 -1.35 0.60
N HIS A 137 -1.97 -0.10 0.30
CA HIS A 137 -1.10 1.07 0.56
C HIS A 137 -1.69 1.82 1.76
N ALA A 138 -0.95 1.93 2.85
CA ALA A 138 -1.30 2.80 3.99
C ALA A 138 -0.21 3.84 4.12
N ASN A 139 -0.44 5.00 3.54
CA ASN A 139 0.57 6.07 3.55
C ASN A 139 0.66 6.66 4.96
N LEU A 140 1.66 7.51 5.10
CA LEU A 140 2.13 8.06 6.41
C LEU A 140 0.94 8.45 7.31
N TYR A 141 0.98 8.03 8.55
CA TYR A 141 0.04 8.45 9.62
C TYR A 141 -1.35 7.82 9.46
N SER A 142 -1.62 7.04 8.43
CA SER A 142 -2.99 6.47 8.27
C SER A 142 -3.27 5.45 9.38
N TYR A 143 -4.55 5.27 9.74
CA TYR A 143 -4.93 4.15 10.61
C TYR A 143 -6.16 3.44 10.07
N VAL A 144 -6.22 2.15 10.41
CA VAL A 144 -7.41 1.29 10.20
C VAL A 144 -7.77 0.75 11.58
N GLU A 145 -8.94 1.11 12.08
CA GLU A 145 -9.31 0.77 13.46
C GLU A 145 -10.11 -0.53 13.48
N HIS A 146 -10.56 -0.87 14.67
CA HIS A 146 -11.02 -2.22 15.04
C HIS A 146 -12.06 -2.77 14.05
N ASP A 147 -11.89 -4.05 13.70
CA ASP A 147 -12.94 -4.87 13.04
C ASP A 147 -13.12 -4.46 11.57
N CYS A 148 -12.27 -3.60 11.01
CA CYS A 148 -12.39 -3.24 9.58
C CYS A 148 -12.04 -4.44 8.69
N ILE A 149 -12.66 -4.46 7.53
CA ILE A 149 -12.28 -5.39 6.45
C ILE A 149 -11.94 -4.55 5.23
N ILE A 150 -10.69 -4.60 4.81
CA ILE A 150 -10.17 -3.87 3.63
C ILE A 150 -9.98 -4.90 2.51
N GLY A 151 -10.48 -4.61 1.32
CA GLY A 151 -10.35 -5.54 0.19
C GLY A 151 -8.98 -5.44 -0.47
N ASP A 152 -8.96 -5.73 -1.76
CA ASP A 152 -7.71 -5.85 -2.54
C ASP A 152 -7.43 -4.52 -3.23
N TYR A 153 -6.15 -4.18 -3.30
CA TYR A 153 -5.64 -3.02 -4.06
C TYR A 153 -6.36 -1.76 -3.58
N VAL A 154 -6.50 -1.62 -2.26
CA VAL A 154 -7.04 -0.39 -1.65
C VAL A 154 -5.85 0.54 -1.38
N THR A 155 -6.05 1.84 -1.52
CA THR A 155 -4.98 2.85 -1.46
C THR A 155 -5.44 3.93 -0.47
N PHE A 156 -4.69 4.16 0.59
CA PHE A 156 -4.85 5.33 1.48
C PHE A 156 -3.72 6.31 1.20
N ALA A 157 -4.10 7.56 0.96
CA ALA A 157 -3.19 8.71 1.09
C ALA A 157 -2.72 8.83 2.53
N PRO A 158 -1.84 9.80 2.81
CA PRO A 158 -1.47 10.07 4.19
C PRO A 158 -2.69 10.46 5.02
N ARG A 159 -2.58 10.15 6.31
CA ARG A 159 -3.40 10.72 7.39
C ARG A 159 -4.88 10.39 7.18
N VAL A 160 -5.14 9.22 6.62
CA VAL A 160 -6.54 8.70 6.54
C VAL A 160 -6.94 8.19 7.92
N SER A 161 -8.12 8.59 8.37
CA SER A 161 -8.72 8.16 9.66
C SER A 161 -9.86 7.19 9.33
N CYS A 162 -9.52 5.91 9.22
CA CYS A 162 -10.53 4.85 8.98
C CYS A 162 -10.90 4.26 10.34
N ASN A 163 -12.03 4.69 10.88
CA ASN A 163 -12.53 4.25 12.21
C ASN A 163 -13.04 2.81 12.13
N GLY A 164 -13.65 2.36 13.23
CA GLY A 164 -14.00 0.94 13.37
C GLY A 164 -15.19 0.52 12.51
N ASN A 165 -15.29 -0.79 12.25
CA ASN A 165 -16.49 -1.37 11.58
C ASN A 165 -16.74 -0.68 10.24
N ILE A 166 -15.67 -0.49 9.48
CA ILE A 166 -15.72 -0.04 8.07
C ILE A 166 -15.25 -1.17 7.17
N HIS A 167 -15.96 -1.36 6.06
CA HIS A 167 -15.61 -2.30 4.99
C HIS A 167 -15.28 -1.49 3.75
N ILE A 168 -14.03 -1.55 3.31
CA ILE A 168 -13.61 -0.82 2.09
C ILE A 168 -13.38 -1.87 1.00
N HIS A 169 -14.16 -1.78 -0.07
CA HIS A 169 -14.09 -2.74 -1.18
C HIS A 169 -12.89 -2.46 -2.09
N ASP A 170 -12.66 -3.37 -3.02
CA ASP A 170 -11.45 -3.40 -3.85
C ASP A 170 -11.26 -2.07 -4.55
N HIS A 171 -10.01 -1.67 -4.69
CA HIS A 171 -9.60 -0.55 -5.56
C HIS A 171 -10.13 0.81 -5.10
N ALA A 172 -10.70 0.94 -3.91
CA ALA A 172 -11.06 2.27 -3.37
C ALA A 172 -9.78 3.09 -3.15
N TYR A 173 -9.93 4.41 -3.23
CA TYR A 173 -8.85 5.37 -2.94
C TYR A 173 -9.40 6.33 -1.90
N ILE A 174 -8.68 6.49 -0.78
CA ILE A 174 -9.08 7.41 0.30
C ILE A 174 -8.03 8.51 0.40
N GLY A 175 -8.44 9.75 0.16
CA GLY A 175 -7.55 10.91 -0.02
C GLY A 175 -7.00 11.47 1.28
N THR A 176 -6.03 12.37 1.16
CA THR A 176 -5.23 12.88 2.31
C THR A 176 -6.17 13.43 3.39
N GLY A 177 -6.03 12.95 4.63
CA GLY A 177 -6.72 13.53 5.80
C GLY A 177 -8.21 13.25 5.82
N ALA A 178 -8.71 12.40 4.94
CA ALA A 178 -10.12 11.99 4.96
C ALA A 178 -10.42 11.34 6.31
N VAL A 179 -11.62 11.56 6.80
CA VAL A 179 -12.14 10.95 8.04
CA VAL A 179 -12.11 10.91 8.04
C VAL A 179 -13.38 10.12 7.69
N ILE A 180 -13.44 8.88 8.16
CA ILE A 180 -14.61 8.01 7.89
C ILE A 180 -15.24 7.66 9.22
N LYS A 181 -16.53 7.95 9.36
CA LYS A 181 -17.31 7.58 10.56
C LYS A 181 -17.28 6.07 10.76
N GLN A 182 -17.23 5.64 12.01
CA GLN A 182 -17.32 4.21 12.36
C GLN A 182 -18.69 3.68 11.91
N GLY A 183 -18.72 2.41 11.48
CA GLY A 183 -19.96 1.62 11.39
C GLY A 183 -20.35 1.06 12.75
N THR A 184 -21.28 0.12 12.74
CA THR A 184 -21.68 -0.64 13.95
C THR A 184 -21.44 -2.11 13.62
N PRO A 185 -21.34 -3.01 14.61
CA PRO A 185 -21.28 -4.43 14.29
C PRO A 185 -22.44 -4.87 13.38
N ASP A 186 -23.66 -4.36 13.63
CA ASP A 186 -24.88 -4.73 12.86
C ASP A 186 -24.84 -4.12 11.46
N LYS A 187 -24.15 -2.98 11.29
CA LYS A 187 -24.14 -2.26 10.00
C LYS A 187 -22.78 -1.62 9.77
N PRO A 188 -21.81 -2.37 9.21
CA PRO A 188 -20.52 -1.77 8.86
C PRO A 188 -20.77 -0.66 7.84
N LEU A 189 -19.98 0.42 7.92
CA LEU A 189 -20.06 1.49 6.91
C LEU A 189 -19.23 1.02 5.72
N ILE A 190 -19.84 0.99 4.55
CA ILE A 190 -19.20 0.43 3.33
C ILE A 190 -18.71 1.59 2.45
N ILE A 191 -17.44 1.50 2.02
CA ILE A 191 -16.89 2.25 0.86
C ILE A 191 -16.85 1.28 -0.32
N GLY A 192 -17.64 1.59 -1.35
CA GLY A 192 -17.84 0.68 -2.49
C GLY A 192 -16.63 0.54 -3.38
N LYS A 193 -16.67 -0.48 -4.22
CA LYS A 193 -15.56 -0.82 -5.13
C LYS A 193 -15.18 0.38 -6.00
N GLY A 194 -13.90 0.71 -6.06
CA GLY A 194 -13.41 1.78 -6.95
C GLY A 194 -13.94 3.16 -6.59
N ALA A 195 -14.48 3.35 -5.38
CA ALA A 195 -14.86 4.69 -4.88
C ALA A 195 -13.61 5.55 -4.60
N ILE A 196 -13.79 6.85 -4.73
CA ILE A 196 -12.76 7.87 -4.47
C ILE A 196 -13.31 8.80 -3.41
N VAL A 197 -12.63 8.85 -2.27
CA VAL A 197 -12.95 9.81 -1.20
C VAL A 197 -11.89 10.90 -1.25
N GLY A 198 -12.31 12.14 -1.48
CA GLY A 198 -11.41 13.28 -1.73
C GLY A 198 -10.61 13.66 -0.49
N MET A 199 -9.53 14.41 -0.68
CA MET A 199 -8.74 14.95 0.46
C MET A 199 -9.69 15.69 1.40
N GLY A 200 -9.54 15.48 2.71
CA GLY A 200 -10.27 16.22 3.76
C GLY A 200 -11.75 15.92 3.80
N ALA A 201 -12.22 14.92 3.05
CA ALA A 201 -13.66 14.56 3.06
C ALA A 201 -14.00 13.99 4.43
N VAL A 202 -15.20 14.28 4.89
CA VAL A 202 -15.73 13.77 6.17
C VAL A 202 -16.90 12.86 5.83
N VAL A 203 -16.66 11.57 5.85
CA VAL A 203 -17.59 10.55 5.31
C VAL A 203 -18.45 10.08 6.47
N THR A 204 -19.77 10.26 6.38
CA THR A 204 -20.71 9.94 7.49
C THR A 204 -21.71 8.86 7.04
N LYS A 205 -21.69 8.45 5.78
CA LYS A 205 -22.61 7.41 5.27
C LYS A 205 -21.91 6.52 4.25
N GLU A 206 -22.54 5.40 3.90
CA GLU A 206 -22.05 4.46 2.88
C GLU A 206 -21.74 5.23 1.58
N VAL A 207 -20.60 4.91 0.96
CA VAL A 207 -20.22 5.49 -0.36
C VAL A 207 -20.46 4.44 -1.43
N PRO A 208 -21.28 4.76 -2.46
CA PRO A 208 -21.54 3.80 -3.54
C PRO A 208 -20.26 3.40 -4.30
N ALA A 209 -20.25 2.19 -4.85
CA ALA A 209 -19.21 1.73 -5.79
C ALA A 209 -19.07 2.77 -6.90
N GLY A 210 -17.83 3.15 -7.21
CA GLY A 210 -17.49 4.07 -8.31
C GLY A 210 -17.84 5.52 -8.03
N ALA A 211 -18.34 5.86 -6.84
CA ALA A 211 -18.70 7.26 -6.47
C ALA A 211 -17.42 8.05 -6.19
N VAL A 212 -17.44 9.35 -6.48
CA VAL A 212 -16.42 10.32 -6.02
C VAL A 212 -17.13 11.24 -5.02
N VAL A 213 -16.62 11.31 -3.79
CA VAL A 213 -17.24 12.17 -2.74
C VAL A 213 -16.18 13.13 -2.21
N ILE A 214 -16.62 14.35 -1.90
CA ILE A 214 -15.75 15.46 -1.42
C ILE A 214 -16.50 16.21 -0.33
N GLY A 215 -15.72 16.90 0.50
CA GLY A 215 -16.23 17.94 1.38
C GLY A 215 -16.60 17.45 2.76
N ASN A 216 -17.11 18.37 3.56
CA ASN A 216 -17.56 18.15 4.94
C ASN A 216 -18.94 18.76 5.09
N PRO A 217 -20.02 17.95 5.13
CA PRO A 217 -19.92 16.50 4.99
C PRO A 217 -19.70 16.05 3.54
N ALA A 218 -19.28 14.80 3.35
CA ALA A 218 -18.96 14.26 2.01
C ALA A 218 -20.24 14.29 1.15
N ARG A 219 -20.14 14.76 -0.09
CA ARG A 219 -21.23 14.73 -1.09
C ARG A 219 -20.69 14.21 -2.42
N LEU A 220 -21.55 13.67 -3.29
CA LEU A 220 -21.16 13.28 -4.68
C LEU A 220 -20.60 14.50 -5.42
N LEU A 221 -19.54 14.31 -6.19
CA LEU A 221 -18.89 15.40 -6.98
C LEU A 221 -19.41 15.33 -8.42
#